data_1M4U
#
_entry.id   1M4U
#
_cell.length_a   99.834
_cell.length_b   99.834
_cell.length_c   150.327
_cell.angle_alpha   90.00
_cell.angle_beta   90.00
_cell.angle_gamma   90.00
#
_symmetry.space_group_name_H-M   'P 41 21 2'
#
loop_
_entity.id
_entity.type
_entity.pdbx_description
1 polymer 'Bone Morphogenetic Protein-7'
2 polymer Noggin
3 branched 2-acetamido-2-deoxy-beta-D-glucopyranose-(1-4)-2-acetamido-2-deoxy-beta-D-glucopyranose
4 water water
#
loop_
_entity_poly.entity_id
_entity_poly.type
_entity_poly.pdbx_seq_one_letter_code
_entity_poly.pdbx_strand_id
1 'polypeptide(L)'
;STGSKQRSQNRSKTPKNQEALRMANVAENSSSDQRQACKKHELYVSFRDLGWQDWIIAPEGYAAYYCEGECAFPLNSYMN
ATNHAIVQTLVHFINPETVPKPCCAPTQLNAISVLYFDDSSNVILKKYRNMVVRACGCH
;
L
2 'polypeptide(L)'
;MQHYLHIRPAPSDNLPLVDLIEHPDPIFDPKEKDLNETLLRSLLGGHYDPGFMATSPPEDRPGGGGGAAGGAEDLAELDQ
LLRQRPSGAMPSEIKGLEFSEGLAQGKKQRLSKKLRRKLQMWLWSQTFCPVLYAWNDLGSRFWPRYVKVGSCFSKRSCSV
PEGMVCKPSKSVHLTVLRWRCQRRGGQRCGWIPIQYPIISECKCSC
;
A
#
# COMPACT_ATOMS: atom_id res chain seq x y z
N GLU A 28 40.68 6.33 9.74
CA GLU A 28 40.65 7.68 9.10
C GLU A 28 40.53 7.60 7.58
N ASN A 29 41.00 6.48 7.01
CA ASN A 29 40.79 6.19 5.59
C ASN A 29 39.35 6.30 5.05
N SER A 30 38.94 7.52 4.73
CA SER A 30 37.62 7.76 4.14
C SER A 30 37.48 9.23 3.74
N SER A 31 36.42 9.50 2.99
CA SER A 31 36.08 10.86 2.62
C SER A 31 35.66 11.60 3.88
N SER A 32 35.58 12.92 3.79
CA SER A 32 35.06 13.67 4.92
C SER A 32 33.52 13.63 4.88
N ASP A 33 32.90 12.66 5.56
CA ASP A 33 31.41 12.54 5.59
C ASP A 33 30.81 12.18 6.95
N GLN A 34 31.24 12.92 7.99
CA GLN A 34 30.69 12.73 9.33
C GLN A 34 29.64 13.79 9.70
N ARG A 35 30.01 15.01 10.08
CA ARG A 35 28.99 15.99 10.42
C ARG A 35 28.09 16.39 9.23
N GLN A 36 28.48 16.16 7.97
CA GLN A 36 27.56 16.55 6.86
C GLN A 36 26.46 15.50 6.61
N ALA A 37 25.25 15.99 6.50
CA ALA A 37 24.15 15.10 6.33
C ALA A 37 23.97 14.57 4.88
N CYS A 38 23.19 13.48 4.80
CA CYS A 38 22.88 12.85 3.51
C CYS A 38 22.46 13.91 2.51
N LYS A 39 23.20 13.98 1.39
CA LYS A 39 22.89 14.95 0.36
C LYS A 39 23.41 14.56 -1.03
N LYS A 40 22.82 15.15 -2.07
CA LYS A 40 23.23 15.01 -3.42
C LYS A 40 24.46 15.83 -3.76
N HIS A 41 25.43 15.30 -4.51
CA HIS A 41 26.68 15.93 -4.94
C HIS A 41 26.87 15.73 -6.41
N GLU A 42 27.62 16.63 -7.00
CA GLU A 42 27.93 16.52 -8.41
C GLU A 42 29.03 15.58 -8.72
N LEU A 43 28.91 15.00 -9.86
CA LEU A 43 29.89 14.11 -10.35
C LEU A 43 29.72 14.02 -11.83
N TYR A 44 30.63 14.55 -12.62
CA TYR A 44 30.66 14.39 -14.08
C TYR A 44 31.45 13.14 -14.37
N VAL A 45 30.94 12.26 -15.21
CA VAL A 45 31.60 11.01 -15.51
C VAL A 45 31.93 11.08 -16.95
N SER A 46 33.19 10.88 -17.28
CA SER A 46 33.60 10.87 -18.67
C SER A 46 33.87 9.45 -19.09
N PHE A 47 33.30 9.04 -20.20
CA PHE A 47 33.41 7.68 -20.57
C PHE A 47 34.86 7.30 -20.97
N ARG A 48 35.63 8.21 -21.54
CA ARG A 48 37.02 7.92 -21.90
C ARG A 48 37.73 7.55 -20.58
N ASP A 49 37.53 8.33 -19.52
CA ASP A 49 38.14 7.98 -18.27
C ASP A 49 37.78 6.61 -17.73
N LEU A 50 36.76 5.93 -18.26
CA LEU A 50 36.44 4.59 -17.71
C LEU A 50 36.71 3.60 -18.71
N GLY A 51 37.33 4.07 -19.76
CA GLY A 51 37.69 3.16 -20.81
C GLY A 51 36.50 2.66 -21.63
N TRP A 52 35.43 3.50 -21.75
CA TRP A 52 34.30 3.01 -22.47
C TRP A 52 34.14 3.66 -23.81
N GLN A 53 35.15 4.36 -24.29
CA GLN A 53 35.04 5.00 -25.60
C GLN A 53 35.04 4.05 -26.78
N ASP A 54 35.12 2.78 -26.61
CA ASP A 54 35.02 2.00 -27.85
C ASP A 54 33.81 1.15 -27.81
N TRP A 55 32.95 1.47 -26.89
CA TRP A 55 31.71 0.79 -26.64
C TRP A 55 30.62 1.95 -26.85
N ILE A 56 30.82 3.10 -26.27
CA ILE A 56 29.92 4.17 -26.37
C ILE A 56 30.50 5.29 -27.18
N ILE A 57 29.84 5.62 -28.29
CA ILE A 57 30.29 6.71 -29.12
C ILE A 57 29.60 8.02 -28.86
N ALA A 58 28.48 8.08 -28.14
CA ALA A 58 27.90 9.35 -27.76
C ALA A 58 26.88 9.03 -26.65
N PRO A 59 26.78 9.90 -25.69
CA PRO A 59 27.60 11.11 -25.61
C PRO A 59 28.99 10.73 -25.23
N GLU A 60 29.78 11.68 -24.78
CA GLU A 60 31.11 11.49 -24.35
C GLU A 60 31.08 11.32 -22.83
N GLY A 61 30.04 11.82 -22.16
CA GLY A 61 29.95 11.67 -20.73
C GLY A 61 28.67 12.28 -20.28
N TYR A 62 28.38 12.25 -18.99
CA TYR A 62 27.15 12.75 -18.41
C TYR A 62 27.35 13.14 -16.98
N ALA A 63 26.45 14.02 -16.53
CA ALA A 63 26.37 14.54 -15.18
C ALA A 63 25.55 13.39 -14.37
N ALA A 64 26.22 12.70 -13.49
CA ALA A 64 25.60 11.54 -12.93
C ALA A 64 25.17 11.77 -11.46
N TYR A 65 25.97 12.56 -10.79
CA TYR A 65 25.78 12.84 -9.41
C TYR A 65 25.96 11.59 -8.56
N TYR A 66 25.90 11.76 -7.26
CA TYR A 66 26.01 10.68 -6.34
C TYR A 66 25.51 11.24 -5.06
N CYS A 67 25.21 10.35 -4.16
CA CYS A 67 24.79 10.65 -2.81
C CYS A 67 25.91 10.28 -1.79
N GLU A 68 25.99 11.02 -0.70
CA GLU A 68 26.88 10.79 0.35
C GLU A 68 26.49 11.62 1.47
N GLY A 69 26.77 11.14 2.66
CA GLY A 69 26.46 11.83 3.88
C GLY A 69 25.95 10.85 4.90
N GLU A 70 25.66 11.39 6.08
CA GLU A 70 25.10 10.71 7.22
C GLU A 70 23.58 10.68 7.36
N CYS A 71 23.14 9.58 7.96
CA CYS A 71 21.83 9.20 8.31
C CYS A 71 21.84 8.79 9.79
N ALA A 72 22.08 9.75 10.67
CA ALA A 72 22.07 9.44 12.13
C ALA A 72 20.96 10.04 12.82
N PHE A 73 20.77 9.55 14.01
CA PHE A 73 19.60 9.88 14.72
C PHE A 73 19.78 11.22 15.27
N PRO A 74 18.79 12.07 15.22
CA PRO A 74 17.50 11.80 14.63
C PRO A 74 17.46 12.16 13.14
N LEU A 75 16.62 11.54 12.35
CA LEU A 75 16.46 11.86 10.96
C LEU A 75 15.30 12.83 10.89
N ASN A 76 15.32 13.67 9.91
CA ASN A 76 14.23 14.60 9.76
C ASN A 76 13.63 14.30 8.39
N SER A 77 12.71 15.10 7.93
CA SER A 77 11.80 14.70 6.80
C SER A 77 12.47 14.93 5.57
N TYR A 78 13.43 15.80 5.62
CA TYR A 78 14.25 16.02 4.48
C TYR A 78 15.19 14.85 4.09
N MET A 79 15.50 13.97 5.04
CA MET A 79 16.32 12.79 4.78
C MET A 79 15.57 11.70 3.90
N ASN A 80 14.27 11.86 3.63
CA ASN A 80 13.50 10.91 2.83
C ASN A 80 13.67 9.44 3.19
N ALA A 81 13.59 9.13 4.47
CA ALA A 81 13.88 7.84 5.04
C ALA A 81 12.71 6.89 4.94
N THR A 82 12.96 5.59 4.80
CA THR A 82 11.87 4.61 4.86
C THR A 82 11.65 4.41 6.29
N ASN A 83 10.51 3.84 6.60
CA ASN A 83 10.20 3.53 7.89
C ASN A 83 11.26 2.60 8.42
N HIS A 84 11.72 1.69 7.61
CA HIS A 84 12.73 0.81 8.13
C HIS A 84 14.04 1.60 8.53
N ALA A 85 14.44 2.53 7.72
CA ALA A 85 15.64 3.28 7.98
C ALA A 85 15.46 4.06 9.34
N ILE A 86 14.25 4.49 9.68
CA ILE A 86 14.00 5.12 10.93
C ILE A 86 14.13 4.16 12.06
N VAL A 87 13.65 2.95 11.91
CA VAL A 87 13.76 1.94 12.98
C VAL A 87 15.23 1.61 13.17
N GLN A 88 15.95 1.39 12.11
CA GLN A 88 17.36 0.96 12.13
C GLN A 88 18.29 2.07 12.76
N THR A 89 17.97 3.32 12.49
CA THR A 89 18.69 4.45 13.02
C THR A 89 18.51 4.51 14.52
N LEU A 90 17.32 4.18 15.01
CA LEU A 90 17.12 4.20 16.44
C LEU A 90 17.79 3.02 17.11
N VAL A 91 17.85 1.93 16.37
CA VAL A 91 18.52 0.74 16.86
C VAL A 91 20.05 0.95 16.87
N HIS A 92 20.59 1.65 15.90
CA HIS A 92 21.97 1.95 15.99
C HIS A 92 22.33 2.92 17.15
N PHE A 93 21.61 4.02 17.27
CA PHE A 93 21.88 5.03 18.22
C PHE A 93 22.27 4.26 19.52
N ILE A 94 21.28 3.60 20.07
CA ILE A 94 21.21 2.64 21.21
C ILE A 94 22.07 1.42 21.36
N ASN A 95 22.48 0.71 20.32
CA ASN A 95 23.73 -0.08 20.44
C ASN A 95 24.27 -0.17 19.06
N PRO A 96 25.28 0.59 18.86
CA PRO A 96 25.92 0.73 17.58
C PRO A 96 26.47 -0.55 17.03
N GLU A 97 26.80 -1.50 17.87
CA GLU A 97 27.38 -2.74 17.38
C GLU A 97 26.27 -3.57 16.84
N THR A 98 25.03 -3.30 17.18
CA THR A 98 24.01 -4.22 16.66
C THR A 98 23.64 -4.08 15.17
N VAL A 99 23.93 -2.95 14.56
CA VAL A 99 23.44 -2.72 13.23
C VAL A 99 24.08 -1.46 12.76
N PRO A 100 24.39 -1.34 11.53
CA PRO A 100 24.95 -0.07 11.11
C PRO A 100 23.84 0.93 11.01
N LYS A 101 24.25 2.15 10.74
CA LYS A 101 23.30 3.13 10.39
C LYS A 101 22.90 3.00 8.93
N PRO A 102 21.73 3.46 8.58
CA PRO A 102 21.33 3.36 7.17
C PRO A 102 22.17 4.23 6.32
N CYS A 103 22.11 4.07 5.01
CA CYS A 103 22.92 4.80 4.14
C CYS A 103 22.19 5.72 3.24
N CYS A 104 22.92 6.71 2.78
CA CYS A 104 22.49 7.80 1.96
C CYS A 104 22.47 7.18 0.59
N ALA A 105 21.33 6.92 -0.01
CA ALA A 105 21.40 6.35 -1.34
C ALA A 105 20.40 7.06 -2.23
N PRO A 106 20.48 6.91 -3.51
CA PRO A 106 19.52 7.58 -4.35
C PRO A 106 18.09 7.18 -4.16
N THR A 107 17.17 8.13 -4.13
CA THR A 107 15.73 7.82 -4.07
C THR A 107 15.07 8.00 -5.43
N GLN A 108 15.68 8.69 -6.36
CA GLN A 108 15.10 8.84 -7.70
C GLN A 108 16.20 9.03 -8.63
N LEU A 109 16.09 8.36 -9.76
CA LEU A 109 17.12 8.46 -10.79
C LEU A 109 16.44 8.77 -12.09
N ASN A 110 17.12 9.31 -13.08
CA ASN A 110 16.63 9.38 -14.45
C ASN A 110 17.50 8.64 -15.44
N ALA A 111 16.93 8.44 -16.64
CA ALA A 111 17.59 7.82 -17.74
C ALA A 111 18.40 8.82 -18.60
N ILE A 112 19.35 8.34 -19.39
CA ILE A 112 20.02 9.13 -20.49
C ILE A 112 19.94 8.23 -21.73
N SER A 113 20.15 8.74 -22.90
CA SER A 113 20.10 7.89 -24.06
C SER A 113 21.53 7.72 -24.51
N VAL A 114 21.88 6.59 -25.08
CA VAL A 114 23.26 6.42 -25.36
C VAL A 114 23.41 5.69 -26.65
N LEU A 115 24.42 6.08 -27.44
CA LEU A 115 24.73 5.43 -28.72
C LEU A 115 25.98 4.57 -28.54
N TYR A 116 25.86 3.26 -28.81
CA TYR A 116 26.90 2.31 -28.48
C TYR A 116 26.87 1.05 -29.39
N PHE A 117 28.03 0.37 -29.45
CA PHE A 117 28.16 -0.84 -30.21
C PHE A 117 27.54 -1.87 -29.39
N ASP A 118 26.76 -2.80 -29.91
CA ASP A 118 26.21 -3.91 -29.08
C ASP A 118 26.92 -5.21 -29.31
N ASP A 119 26.34 -6.28 -28.82
CA ASP A 119 26.97 -7.59 -28.90
C ASP A 119 27.28 -8.01 -30.38
N SER A 120 26.49 -7.54 -31.38
CA SER A 120 26.74 -7.92 -32.77
C SER A 120 27.53 -6.85 -33.39
N SER A 121 28.25 -6.13 -32.57
CA SER A 121 28.91 -5.00 -33.15
C SER A 121 27.97 -4.21 -34.07
N ASN A 122 26.69 -4.04 -33.73
CA ASN A 122 25.92 -3.00 -34.45
C ASN A 122 25.82 -1.83 -33.52
N VAL A 123 25.83 -0.63 -34.05
CA VAL A 123 25.65 0.50 -33.24
C VAL A 123 24.11 0.78 -33.07
N ILE A 124 23.67 1.12 -31.89
CA ILE A 124 22.30 1.32 -31.73
C ILE A 124 22.06 2.30 -30.64
N LEU A 125 20.98 3.09 -30.78
CA LEU A 125 20.59 4.02 -29.77
C LEU A 125 19.50 3.50 -28.84
N LYS A 126 19.82 3.60 -27.52
CA LYS A 126 18.84 3.29 -26.51
C LYS A 126 18.93 4.05 -25.22
N LYS A 127 17.85 3.90 -24.50
CA LYS A 127 17.68 4.44 -23.21
C LYS A 127 18.45 3.48 -22.25
N TYR A 128 19.11 4.11 -21.30
CA TYR A 128 19.74 3.48 -20.09
C TYR A 128 19.08 4.10 -18.90
N ARG A 129 18.29 3.29 -18.23
CA ARG A 129 17.55 3.71 -17.08
C ARG A 129 18.47 3.85 -15.87
N ASN A 130 17.99 4.55 -14.85
CA ASN A 130 18.63 4.67 -13.56
C ASN A 130 20.10 5.05 -13.64
N MET A 131 20.46 6.06 -14.43
CA MET A 131 21.79 6.48 -14.59
C MET A 131 22.09 7.77 -13.92
N VAL A 132 21.10 8.56 -13.56
CA VAL A 132 21.31 9.85 -13.01
C VAL A 132 20.54 9.97 -11.75
N VAL A 133 21.29 10.30 -10.71
CA VAL A 133 20.72 10.54 -9.46
C VAL A 133 19.97 11.89 -9.40
N ARG A 134 18.75 11.94 -8.94
CA ARG A 134 17.90 13.13 -8.89
C ARG A 134 17.66 13.52 -7.46
N ALA A 135 17.69 12.54 -6.56
CA ALA A 135 17.49 12.78 -5.17
C ALA A 135 18.06 11.69 -4.26
N CYS A 136 18.31 12.02 -3.01
CA CYS A 136 18.94 11.07 -2.12
C CYS A 136 18.07 10.84 -0.92
N GLY A 137 18.33 9.77 -0.18
CA GLY A 137 17.59 9.45 1.05
C GLY A 137 18.26 8.43 1.95
N CYS A 138 17.77 8.31 3.16
CA CYS A 138 18.25 7.32 4.09
C CYS A 138 17.53 5.96 3.89
N HIS A 139 18.30 4.92 3.55
CA HIS A 139 17.68 3.64 3.25
C HIS A 139 18.00 2.36 4.19
N MET B 1 6.66 14.91 6.45
CA MET B 1 6.36 16.34 6.13
C MET B 1 5.31 16.86 7.10
N GLN B 2 4.53 15.93 7.65
CA GLN B 2 3.61 16.23 8.76
C GLN B 2 4.34 16.49 10.09
N HIS B 3 5.25 15.55 10.45
CA HIS B 3 6.12 15.62 11.65
C HIS B 3 7.53 15.94 11.23
N TYR B 4 8.12 16.93 11.85
CA TYR B 4 9.48 17.30 11.48
C TYR B 4 10.62 16.28 11.75
N LEU B 5 10.67 15.81 12.99
CA LEU B 5 11.57 14.76 13.41
C LEU B 5 10.84 13.44 13.09
N HIS B 6 11.50 12.66 12.32
CA HIS B 6 10.96 11.37 11.95
C HIS B 6 11.81 10.42 12.75
N ILE B 7 11.42 10.28 14.01
CA ILE B 7 12.07 9.35 14.87
C ILE B 7 11.25 8.13 15.21
N ARG B 8 9.96 8.14 14.85
CA ARG B 8 9.09 6.90 14.73
C ARG B 8 8.67 6.56 13.26
N PRO B 9 8.37 5.31 12.84
CA PRO B 9 7.87 5.12 11.46
C PRO B 9 6.43 5.60 11.45
N ALA B 10 5.99 6.23 10.38
CA ALA B 10 4.65 6.74 10.34
C ALA B 10 3.64 5.49 9.94
N PRO B 11 2.37 5.59 10.31
CA PRO B 11 1.29 4.69 9.92
C PRO B 11 0.75 5.11 8.60
N SER B 12 0.30 4.13 7.94
CA SER B 12 -0.38 4.32 6.67
C SER B 12 -1.87 3.78 6.65
N ASP B 13 -2.70 4.43 5.82
CA ASP B 13 -4.12 3.99 5.65
C ASP B 13 -4.55 3.00 4.50
N ASN B 14 -3.55 2.38 3.85
CA ASN B 14 -3.69 1.43 2.83
C ASN B 14 -4.31 0.19 3.43
N LEU B 15 -5.22 -0.32 2.61
CA LEU B 15 -5.90 -1.51 2.93
C LEU B 15 -5.73 -2.33 1.65
N PRO B 16 -5.84 -3.62 1.85
CA PRO B 16 -6.12 -4.03 3.22
C PRO B 16 -4.97 -4.46 4.02
N LEU B 17 -5.26 -4.73 5.28
CA LEU B 17 -4.35 -5.19 6.31
C LEU B 17 -4.04 -6.57 6.65
N VAL B 18 -2.79 -6.97 6.73
CA VAL B 18 -2.54 -8.21 7.41
C VAL B 18 -2.92 -8.06 8.88
N ASP B 19 -3.41 -9.10 9.54
CA ASP B 19 -3.70 -9.03 11.00
C ASP B 19 -2.36 -9.16 11.78
N LEU B 20 -2.39 -8.66 13.00
CA LEU B 20 -1.25 -8.65 13.93
C LEU B 20 -0.66 -9.97 13.85
N ILE B 21 0.63 -10.00 13.91
CA ILE B 21 1.33 -11.22 14.13
C ILE B 21 1.44 -11.21 15.64
N GLU B 22 0.72 -12.10 16.27
CA GLU B 22 0.60 -12.11 17.72
C GLU B 22 1.55 -13.09 18.40
N HIS B 23 2.13 -12.70 19.52
CA HIS B 23 2.96 -13.66 20.22
C HIS B 23 2.26 -14.57 21.19
N PRO B 24 2.57 -15.86 21.06
CA PRO B 24 1.95 -16.96 21.83
C PRO B 24 2.32 -17.23 23.27
N ASP B 25 2.97 -16.31 23.95
CA ASP B 25 3.17 -16.45 25.38
C ASP B 25 1.73 -16.34 25.94
N PRO B 26 1.30 -17.30 26.75
CA PRO B 26 -0.03 -17.31 27.43
C PRO B 26 -0.38 -16.40 28.59
N ILE B 27 0.57 -15.58 28.92
CA ILE B 27 0.38 -14.55 29.90
C ILE B 27 -0.45 -13.42 29.32
N PHE B 28 -0.26 -13.19 28.02
CA PHE B 28 -0.91 -12.10 27.30
C PHE B 28 -2.42 -12.34 27.14
N ASP B 29 -2.82 -13.60 27.04
CA ASP B 29 -4.23 -13.98 26.90
C ASP B 29 -5.05 -13.64 28.14
N PRO B 30 -6.29 -13.23 27.96
CA PRO B 30 -7.18 -12.99 29.08
C PRO B 30 -7.67 -14.33 29.58
N LYS B 31 -7.96 -14.43 30.86
CA LYS B 31 -8.42 -15.68 31.45
C LYS B 31 -9.90 -15.55 31.74
N GLU B 32 -10.58 -16.68 31.92
CA GLU B 32 -12.04 -16.74 32.08
C GLU B 32 -12.71 -15.80 33.13
N LYS B 33 -11.94 -15.24 34.05
CA LYS B 33 -12.54 -14.35 35.06
C LYS B 33 -13.22 -13.14 34.41
N ASP B 34 -12.53 -12.40 33.55
CA ASP B 34 -13.22 -11.31 32.87
C ASP B 34 -13.30 -11.56 31.38
N LEU B 35 -13.87 -12.71 31.05
CA LEU B 35 -14.18 -13.08 29.70
C LEU B 35 -15.69 -13.35 29.71
N ASN B 36 -16.42 -12.53 30.47
CA ASN B 36 -17.86 -12.69 30.67
C ASN B 36 -18.72 -11.68 29.89
N GLU B 37 -19.39 -12.19 28.86
CA GLU B 37 -20.15 -11.40 27.90
C GLU B 37 -20.88 -10.19 28.38
N THR B 38 -21.29 -10.23 29.63
CA THR B 38 -22.22 -9.26 30.12
C THR B 38 -21.55 -7.93 30.38
N LEU B 39 -20.37 -7.99 31.00
CA LEU B 39 -19.60 -6.78 31.33
C LEU B 39 -18.94 -6.31 30.05
N LEU B 40 -18.47 -7.28 29.26
CA LEU B 40 -17.93 -7.00 27.91
C LEU B 40 -18.93 -6.21 27.15
N ARG B 41 -20.17 -6.70 27.08
CA ARG B 41 -21.22 -6.00 26.31
C ARG B 41 -21.51 -4.60 26.80
N SER B 42 -21.32 -4.37 28.09
CA SER B 42 -21.72 -3.07 28.68
C SER B 42 -20.61 -2.08 28.59
N LEU B 43 -19.40 -2.58 28.77
CA LEU B 43 -18.19 -1.79 28.58
C LEU B 43 -18.05 -1.29 27.14
N LEU B 44 -18.40 -2.13 26.14
CA LEU B 44 -18.33 -1.73 24.71
C LEU B 44 -19.47 -0.83 24.39
N GLY B 45 -20.58 -1.16 25.07
CA GLY B 45 -21.76 -0.39 24.96
C GLY B 45 -22.28 -0.20 23.59
N GLY B 46 -22.51 1.04 23.25
CA GLY B 46 -23.13 1.33 21.99
C GLY B 46 -22.19 1.02 20.82
N HIS B 47 -20.97 0.50 21.05
CA HIS B 47 -20.04 0.30 19.93
C HIS B 47 -20.42 -0.96 19.27
N TYR B 48 -20.94 -1.84 20.12
CA TYR B 48 -21.55 -3.08 19.68
C TYR B 48 -22.30 -3.01 18.35
N ASP B 49 -21.85 -3.82 17.42
CA ASP B 49 -22.53 -3.76 16.16
C ASP B 49 -22.71 -5.16 15.65
N PRO B 50 -23.92 -5.70 15.87
CA PRO B 50 -24.17 -7.12 15.61
C PRO B 50 -24.19 -7.45 14.12
N GLY B 51 -24.20 -6.48 13.27
CA GLY B 51 -24.10 -6.82 11.86
C GLY B 51 -22.63 -7.08 11.54
N PHE B 52 -21.73 -6.56 12.37
CA PHE B 52 -20.28 -6.74 12.09
C PHE B 52 -19.40 -7.51 13.08
N MET B 53 -19.92 -7.86 14.23
CA MET B 53 -19.17 -8.41 15.37
C MET B 53 -19.77 -9.65 16.03
N ALA B 54 -19.01 -10.60 16.53
CA ALA B 54 -19.69 -11.70 17.21
C ALA B 54 -18.82 -12.58 18.05
N THR B 55 -19.42 -13.20 19.08
CA THR B 55 -18.72 -14.30 19.75
C THR B 55 -18.73 -15.60 18.93
N SER B 56 -19.74 -15.79 18.11
CA SER B 56 -19.77 -16.97 17.26
C SER B 56 -20.53 -16.61 15.96
N PRO B 57 -19.70 -16.55 14.93
CA PRO B 57 -20.01 -16.27 13.54
C PRO B 57 -21.07 -17.09 12.91
N PRO B 58 -21.93 -16.46 12.14
CA PRO B 58 -22.84 -17.17 11.26
C PRO B 58 -21.91 -17.99 10.38
N GLU B 59 -21.09 -17.35 9.60
CA GLU B 59 -20.25 -18.09 8.69
C GLU B 59 -19.68 -19.39 9.31
N ASP B 60 -20.40 -20.49 9.17
CA ASP B 60 -19.95 -21.81 9.62
C ASP B 60 -20.64 -22.84 8.69
N ARG B 61 -20.53 -24.13 9.01
CA ARG B 61 -21.38 -25.22 8.41
C ARG B 61 -22.53 -25.37 9.45
N PRO B 62 -23.75 -25.99 9.41
CA PRO B 62 -24.74 -26.69 8.54
C PRO B 62 -25.32 -26.32 7.16
N GLY B 70 -12.92 -24.37 -6.48
CA GLY B 70 -13.96 -25.13 -5.76
C GLY B 70 -14.98 -24.13 -5.19
N GLY B 71 -14.63 -23.55 -4.07
CA GLY B 71 -15.41 -22.47 -3.54
C GLY B 71 -14.78 -21.14 -3.97
N ALA B 72 -13.98 -21.13 -5.04
CA ALA B 72 -13.43 -19.92 -5.60
C ALA B 72 -14.17 -19.67 -6.92
N GLU B 73 -14.59 -20.75 -7.55
CA GLU B 73 -15.39 -20.53 -8.69
C GLU B 73 -16.65 -19.90 -8.14
N ASP B 74 -17.00 -20.23 -6.91
CA ASP B 74 -18.17 -19.64 -6.28
C ASP B 74 -17.94 -18.13 -6.04
N LEU B 75 -16.77 -17.76 -5.57
CA LEU B 75 -16.44 -16.34 -5.42
C LEU B 75 -16.65 -15.58 -6.73
N ALA B 76 -16.25 -16.18 -7.80
CA ALA B 76 -16.38 -15.59 -9.10
C ALA B 76 -17.80 -15.41 -9.58
N GLU B 77 -18.69 -16.27 -9.10
CA GLU B 77 -20.06 -16.29 -9.51
C GLU B 77 -20.77 -15.36 -8.60
N LEU B 78 -20.40 -15.32 -7.32
CA LEU B 78 -20.96 -14.34 -6.49
C LEU B 78 -20.65 -12.94 -7.03
N ASP B 79 -19.42 -12.75 -7.41
CA ASP B 79 -18.95 -11.47 -7.80
C ASP B 79 -19.70 -10.94 -9.04
N GLN B 80 -19.84 -11.85 -9.98
CA GLN B 80 -20.60 -11.53 -11.16
C GLN B 80 -22.05 -11.22 -10.90
N LEU B 81 -22.66 -11.88 -9.94
CA LEU B 81 -24.02 -11.55 -9.61
C LEU B 81 -24.09 -10.24 -8.97
N LEU B 82 -23.25 -10.01 -7.98
CA LEU B 82 -23.26 -8.73 -7.32
C LEU B 82 -23.00 -7.59 -8.33
N ARG B 83 -22.17 -7.80 -9.34
CA ARG B 83 -21.99 -6.73 -10.31
C ARG B 83 -23.26 -6.41 -11.19
N GLN B 84 -24.22 -7.31 -11.21
CA GLN B 84 -25.39 -7.08 -12.01
C GLN B 84 -26.41 -6.17 -11.36
N ARG B 85 -26.26 -5.77 -10.09
CA ARG B 85 -27.15 -4.94 -9.33
C ARG B 85 -26.20 -4.08 -8.55
N PRO B 86 -25.52 -3.22 -9.26
CA PRO B 86 -24.61 -2.38 -8.56
C PRO B 86 -25.40 -1.44 -7.75
N SER B 87 -24.90 -1.28 -6.55
CA SER B 87 -25.35 -0.20 -5.66
C SER B 87 -24.75 1.11 -6.09
N GLY B 88 -25.19 2.18 -5.44
CA GLY B 88 -24.66 3.52 -5.71
C GLY B 88 -25.53 4.26 -6.72
N ALA B 89 -25.04 5.37 -7.25
CA ALA B 89 -25.70 6.01 -8.38
C ALA B 89 -24.85 5.62 -9.56
N MET B 90 -25.36 5.58 -10.77
CA MET B 90 -24.48 5.33 -11.87
C MET B 90 -23.40 6.44 -11.75
N PRO B 91 -22.13 6.11 -11.89
CA PRO B 91 -21.05 7.09 -11.81
C PRO B 91 -21.19 8.06 -12.94
N SER B 92 -20.84 9.31 -12.67
CA SER B 92 -20.92 10.36 -13.68
C SER B 92 -20.23 10.05 -14.95
N GLU B 93 -19.07 9.45 -14.80
CA GLU B 93 -18.25 9.24 -15.94
C GLU B 93 -18.95 8.31 -16.87
N ILE B 94 -19.91 7.58 -16.36
CA ILE B 94 -20.57 6.65 -17.25
C ILE B 94 -21.84 7.32 -17.68
N LYS B 95 -22.55 7.88 -16.71
CA LYS B 95 -23.82 8.56 -17.00
C LYS B 95 -23.59 9.65 -18.04
N GLY B 96 -22.49 10.36 -17.95
CA GLY B 96 -22.22 11.36 -18.95
C GLY B 96 -21.71 10.78 -20.25
N LEU B 97 -22.12 9.56 -20.64
CA LEU B 97 -21.66 8.98 -21.90
C LEU B 97 -22.75 8.89 -22.96
N GLU B 98 -22.66 9.74 -23.97
CA GLU B 98 -23.58 9.61 -25.08
C GLU B 98 -22.69 9.07 -26.18
N PHE B 99 -22.98 7.87 -26.63
CA PHE B 99 -22.22 7.28 -27.70
C PHE B 99 -22.55 7.94 -29.07
N SER B 100 -22.23 9.23 -29.09
CA SER B 100 -22.72 10.23 -30.04
C SER B 100 -21.95 10.51 -31.34
N GLU B 101 -20.65 10.68 -31.20
CA GLU B 101 -19.83 11.10 -32.31
C GLU B 101 -19.29 9.87 -32.94
N GLY B 102 -19.72 9.52 -34.13
CA GLY B 102 -19.28 8.25 -34.67
C GLY B 102 -18.62 8.33 -36.00
N LEU B 103 -19.31 8.96 -36.94
CA LEU B 103 -18.78 9.10 -38.26
C LEU B 103 -17.70 10.12 -38.15
N ALA B 104 -16.54 9.68 -37.73
CA ALA B 104 -15.41 10.54 -37.57
C ALA B 104 -15.82 11.69 -36.69
N GLN B 105 -16.05 11.38 -35.41
CA GLN B 105 -16.33 12.37 -34.39
C GLN B 105 -17.71 12.92 -34.62
N GLY B 106 -18.54 12.08 -35.22
CA GLY B 106 -19.96 12.22 -35.02
C GLY B 106 -20.85 11.69 -36.10
N LYS B 107 -22.13 11.66 -35.76
CA LYS B 107 -23.17 11.39 -36.72
C LYS B 107 -24.26 12.19 -36.05
N LYS B 108 -25.48 12.04 -36.55
CA LYS B 108 -26.63 12.66 -35.89
C LYS B 108 -26.89 11.82 -34.66
N GLN B 109 -26.43 10.56 -34.74
CA GLN B 109 -26.52 9.59 -33.66
C GLN B 109 -25.75 8.30 -34.05
N ARG B 110 -24.52 8.16 -33.56
CA ARG B 110 -23.73 6.97 -33.86
C ARG B 110 -24.48 5.69 -33.40
N LEU B 111 -25.17 5.77 -32.27
CA LEU B 111 -25.78 4.56 -31.74
C LEU B 111 -27.31 4.48 -31.77
N SER B 112 -27.96 4.92 -30.68
CA SER B 112 -29.41 4.96 -30.55
C SER B 112 -29.72 5.13 -29.09
N LYS B 113 -30.78 5.89 -28.82
CA LYS B 113 -31.21 6.16 -27.45
C LYS B 113 -31.20 4.89 -26.63
N LYS B 114 -32.08 3.96 -27.00
CA LYS B 114 -32.17 2.74 -26.26
C LYS B 114 -30.76 2.32 -25.92
N LEU B 115 -30.05 1.92 -26.96
CA LEU B 115 -28.74 1.36 -26.81
C LEU B 115 -27.86 2.24 -25.87
N ARG B 116 -28.32 3.47 -25.61
CA ARG B 116 -27.54 4.36 -24.76
C ARG B 116 -27.41 3.75 -23.41
N ARG B 117 -28.55 3.61 -22.79
CA ARG B 117 -28.60 3.25 -21.41
C ARG B 117 -28.18 1.82 -21.23
N LYS B 118 -28.28 1.07 -22.28
CA LYS B 118 -27.97 -0.27 -22.08
C LYS B 118 -26.49 -0.46 -22.12
N LEU B 119 -25.84 0.36 -22.92
CA LEU B 119 -24.42 0.27 -23.02
C LEU B 119 -23.89 0.78 -21.68
N GLN B 120 -24.61 1.69 -21.09
CA GLN B 120 -24.13 2.28 -19.94
C GLN B 120 -24.21 1.32 -18.75
N MET B 121 -25.33 0.60 -18.66
CA MET B 121 -25.53 -0.33 -17.59
C MET B 121 -24.51 -1.39 -17.78
N TRP B 122 -24.18 -1.81 -18.97
CA TRP B 122 -23.15 -2.82 -19.15
C TRP B 122 -21.80 -2.22 -18.68
N LEU B 123 -21.52 -0.94 -18.89
CA LEU B 123 -20.22 -0.44 -18.51
C LEU B 123 -20.12 -0.46 -17.03
N TRP B 124 -21.28 -0.21 -16.47
CA TRP B 124 -21.41 -0.15 -15.04
C TRP B 124 -21.13 -1.45 -14.32
N SER B 125 -21.79 -2.53 -14.73
CA SER B 125 -21.61 -3.84 -14.18
C SER B 125 -20.28 -4.34 -14.47
N GLN B 126 -19.68 -3.88 -15.57
CA GLN B 126 -18.36 -4.37 -15.91
C GLN B 126 -17.25 -3.74 -15.03
N THR B 127 -17.43 -2.56 -14.54
CA THR B 127 -16.45 -1.79 -13.86
C THR B 127 -16.82 -1.61 -12.38
N PHE B 128 -18.02 -2.02 -11.98
CA PHE B 128 -18.33 -1.94 -10.57
C PHE B 128 -17.55 -2.93 -9.75
N CYS B 129 -17.16 -2.56 -8.60
CA CYS B 129 -16.38 -3.46 -7.75
C CYS B 129 -17.05 -3.61 -6.37
N PRO B 130 -17.73 -4.72 -6.19
CA PRO B 130 -18.35 -5.04 -4.89
C PRO B 130 -17.37 -5.40 -3.78
N VAL B 131 -17.80 -5.13 -2.55
CA VAL B 131 -17.10 -5.55 -1.34
C VAL B 131 -17.67 -6.94 -0.94
N LEU B 132 -16.89 -7.98 -0.91
CA LEU B 132 -17.31 -9.20 -0.34
C LEU B 132 -16.87 -9.17 1.14
N TYR B 133 -17.64 -9.81 1.95
CA TYR B 133 -17.56 -9.85 3.37
C TYR B 133 -17.27 -11.18 3.85
N ALA B 134 -16.57 -11.28 4.95
CA ALA B 134 -16.23 -12.56 5.47
C ALA B 134 -15.88 -12.32 6.99
N TRP B 135 -16.15 -13.37 7.81
CA TRP B 135 -15.97 -13.32 9.22
C TRP B 135 -14.50 -13.63 9.47
N ASN B 136 -13.92 -12.91 10.40
CA ASN B 136 -12.48 -13.07 10.66
C ASN B 136 -12.22 -13.30 12.14
N ASP B 137 -11.34 -14.25 12.42
CA ASP B 137 -11.08 -14.62 13.78
C ASP B 137 -9.93 -13.79 14.30
N LEU B 138 -10.18 -12.82 15.16
CA LEU B 138 -9.15 -11.97 15.60
C LEU B 138 -8.32 -12.54 16.71
N GLY B 139 -8.78 -13.64 17.32
CA GLY B 139 -8.12 -14.27 18.48
C GLY B 139 -8.53 -13.76 19.85
N SER B 140 -8.10 -14.52 20.83
CA SER B 140 -8.53 -14.27 22.23
C SER B 140 -8.24 -12.84 22.71
N ARG B 141 -7.28 -12.14 22.09
CA ARG B 141 -6.93 -10.87 22.71
C ARG B 141 -7.89 -9.86 22.29
N PHE B 142 -8.87 -10.23 21.44
CA PHE B 142 -9.84 -9.19 21.14
C PHE B 142 -11.23 -9.62 21.53
N TRP B 143 -12.17 -8.73 21.71
CA TRP B 143 -13.53 -9.13 22.00
C TRP B 143 -14.45 -8.07 21.51
N PRO B 144 -15.46 -8.46 20.77
CA PRO B 144 -15.70 -9.83 20.41
C PRO B 144 -14.65 -10.34 19.57
N ARG B 145 -14.45 -11.64 19.46
CA ARG B 145 -13.35 -12.18 18.73
C ARG B 145 -13.58 -12.32 17.24
N TYR B 146 -14.79 -12.19 16.79
CA TYR B 146 -15.02 -12.47 15.41
C TYR B 146 -15.57 -11.20 14.87
N VAL B 147 -15.07 -10.80 13.71
CA VAL B 147 -15.51 -9.54 13.17
C VAL B 147 -15.77 -9.66 11.67
N LYS B 148 -16.68 -8.90 11.15
CA LYS B 148 -17.02 -9.10 9.75
C LYS B 148 -16.22 -8.08 8.92
N VAL B 149 -15.39 -8.63 8.03
CA VAL B 149 -14.38 -7.87 7.31
C VAL B 149 -14.62 -7.81 5.77
N GLY B 150 -14.32 -6.69 5.19
CA GLY B 150 -14.67 -6.49 3.81
C GLY B 150 -13.47 -6.78 2.98
N SER B 151 -13.71 -6.95 1.68
CA SER B 151 -12.70 -7.31 0.68
C SER B 151 -13.14 -7.01 -0.74
N CYS B 152 -12.16 -6.97 -1.63
CA CYS B 152 -12.35 -6.67 -3.02
C CYS B 152 -12.19 -8.01 -3.73
N PHE B 153 -12.74 -8.14 -4.93
CA PHE B 153 -12.59 -9.28 -5.73
C PHE B 153 -11.63 -8.87 -6.78
N SER B 154 -10.49 -9.47 -6.80
CA SER B 154 -9.54 -9.02 -7.71
C SER B 154 -9.03 -10.09 -8.62
N LYS B 155 -9.80 -11.16 -8.88
CA LYS B 155 -9.34 -12.13 -9.83
C LYS B 155 -9.85 -11.87 -11.25
N ARG B 156 -10.17 -10.65 -11.58
CA ARG B 156 -10.44 -10.42 -12.97
C ARG B 156 -10.13 -8.94 -13.15
N SER B 157 -10.21 -8.40 -14.34
CA SER B 157 -10.07 -7.00 -14.50
C SER B 157 -11.40 -6.27 -14.58
N CYS B 158 -11.51 -5.10 -13.97
CA CYS B 158 -12.71 -4.34 -13.98
C CYS B 158 -12.70 -3.22 -15.09
N SER B 159 -11.68 -3.23 -15.95
CA SER B 159 -11.62 -2.28 -17.05
C SER B 159 -11.72 -2.91 -18.43
N VAL B 160 -12.10 -2.09 -19.42
CA VAL B 160 -11.87 -2.35 -20.83
C VAL B 160 -10.94 -1.21 -21.23
N PRO B 161 -9.88 -1.51 -21.85
CA PRO B 161 -9.47 -2.88 -21.99
C PRO B 161 -8.90 -3.40 -20.62
N GLU B 162 -8.57 -4.64 -20.62
CA GLU B 162 -7.91 -5.28 -19.45
C GLU B 162 -6.66 -4.54 -18.96
N GLY B 163 -6.57 -4.25 -17.66
CA GLY B 163 -5.32 -3.88 -17.04
C GLY B 163 -5.48 -3.65 -15.53
N MET B 164 -6.52 -2.85 -15.26
CA MET B 164 -7.08 -2.43 -13.96
C MET B 164 -7.75 -3.49 -13.09
N VAL B 165 -7.72 -3.24 -11.77
CA VAL B 165 -8.18 -4.24 -10.83
C VAL B 165 -8.85 -3.53 -9.72
N CYS B 166 -9.84 -4.18 -9.14
CA CYS B 166 -10.58 -3.62 -8.05
C CYS B 166 -9.66 -3.45 -6.79
N LYS B 167 -9.72 -2.33 -6.07
CA LYS B 167 -8.94 -2.11 -4.85
C LYS B 167 -9.76 -1.28 -3.91
N PRO B 168 -9.49 -1.30 -2.63
CA PRO B 168 -10.21 -0.51 -1.67
C PRO B 168 -10.24 0.98 -1.94
N SER B 169 -11.32 1.70 -1.71
CA SER B 169 -11.38 3.14 -1.93
C SER B 169 -12.00 3.94 -0.76
N LYS B 170 -12.60 3.25 0.20
CA LYS B 170 -13.09 3.84 1.44
C LYS B 170 -13.05 2.84 2.51
N SER B 171 -13.03 3.32 3.72
CA SER B 171 -12.92 2.47 4.87
C SER B 171 -13.69 3.05 6.07
N VAL B 172 -14.02 2.21 7.02
CA VAL B 172 -14.75 2.66 8.14
C VAL B 172 -14.09 1.83 9.21
N HIS B 173 -14.40 2.12 10.43
CA HIS B 173 -13.77 1.53 11.60
C HIS B 173 -14.78 0.88 12.49
N LEU B 174 -14.49 -0.30 12.97
CA LEU B 174 -15.28 -0.92 13.97
C LEU B 174 -14.64 -0.63 15.31
N THR B 175 -15.40 -0.49 16.39
CA THR B 175 -14.75 -0.37 17.67
C THR B 175 -14.91 -1.58 18.43
N VAL B 176 -13.85 -2.15 18.90
CA VAL B 176 -13.88 -3.42 19.55
C VAL B 176 -12.99 -3.30 20.81
N LEU B 177 -12.79 -4.35 21.53
CA LEU B 177 -12.00 -4.30 22.71
C LEU B 177 -10.73 -5.15 22.62
N ARG B 178 -9.63 -4.61 23.22
CA ARG B 178 -8.29 -5.33 23.31
C ARG B 178 -7.81 -5.52 24.79
N TRP B 179 -7.32 -6.73 25.01
CA TRP B 179 -6.71 -7.19 26.22
C TRP B 179 -5.27 -6.69 26.27
N ARG B 180 -5.11 -5.54 26.88
CA ARG B 180 -3.81 -4.93 26.97
C ARG B 180 -3.03 -5.19 28.30
N CYS B 181 -1.81 -5.72 28.20
CA CYS B 181 -0.92 -5.83 29.39
C CYS B 181 0.16 -4.71 29.49
N GLN B 182 -0.02 -3.82 30.47
CA GLN B 182 0.95 -2.73 30.72
C GLN B 182 2.39 -3.24 30.93
N ARG B 183 2.63 -3.86 32.07
CA ARG B 183 3.99 -4.25 32.39
C ARG B 183 4.37 -5.43 31.55
N ARG B 184 5.67 -5.67 31.54
CA ARG B 184 6.27 -6.82 30.87
C ARG B 184 5.66 -8.06 31.50
N GLY B 185 5.74 -9.18 30.80
CA GLY B 185 5.19 -10.43 31.30
C GLY B 185 3.67 -10.40 31.44
N GLY B 186 3.04 -9.38 30.89
CA GLY B 186 1.60 -9.34 30.93
C GLY B 186 1.06 -9.10 32.32
N GLN B 187 1.80 -8.38 33.17
CA GLN B 187 1.25 -8.01 34.47
C GLN B 187 0.32 -6.84 34.17
N ARG B 188 -0.64 -6.56 35.06
CA ARG B 188 -1.63 -5.48 34.89
C ARG B 188 -2.34 -5.48 33.51
N CYS B 189 -3.30 -6.40 33.28
CA CYS B 189 -4.06 -6.41 32.01
C CYS B 189 -5.45 -5.70 32.12
N GLY B 190 -6.08 -5.42 30.97
CA GLY B 190 -7.40 -4.77 30.88
C GLY B 190 -7.86 -4.65 29.41
N TRP B 191 -9.15 -4.34 29.17
CA TRP B 191 -9.85 -4.22 27.90
C TRP B 191 -10.01 -2.73 27.68
N ILE B 192 -9.75 -2.22 26.45
CA ILE B 192 -9.87 -0.86 26.06
C ILE B 192 -10.46 -0.79 24.62
N PRO B 193 -11.23 0.25 24.36
CA PRO B 193 -11.73 0.43 23.01
C PRO B 193 -10.52 0.45 22.02
N ILE B 194 -10.59 -0.23 20.88
CA ILE B 194 -9.61 0.02 19.78
C ILE B 194 -10.39 0.11 18.42
N GLN B 195 -9.87 0.92 17.51
CA GLN B 195 -10.41 1.12 16.21
C GLN B 195 -9.82 0.10 15.27
N TYR B 196 -10.67 -0.76 14.67
CA TYR B 196 -10.26 -1.76 13.73
C TYR B 196 -10.89 -1.44 12.40
N PRO B 197 -10.04 -1.26 11.41
CA PRO B 197 -10.50 -0.77 10.13
C PRO B 197 -11.03 -1.88 9.20
N ILE B 198 -12.05 -1.56 8.45
CA ILE B 198 -12.54 -2.48 7.48
C ILE B 198 -12.91 -1.75 6.19
N ILE B 199 -12.69 -2.42 5.10
CA ILE B 199 -12.98 -1.89 3.78
C ILE B 199 -14.49 -1.73 3.59
N SER B 200 -14.93 -0.54 3.26
CA SER B 200 -16.31 -0.34 3.02
C SER B 200 -16.69 0.02 1.56
N GLU B 201 -15.73 0.47 0.73
CA GLU B 201 -15.81 0.58 -0.74
C GLU B 201 -14.60 0.14 -1.56
N CYS B 202 -14.93 -0.36 -2.76
CA CYS B 202 -13.91 -0.77 -3.70
C CYS B 202 -14.05 0.04 -4.99
N LYS B 203 -12.94 0.24 -5.76
CA LYS B 203 -12.99 0.94 -7.00
C LYS B 203 -11.99 0.43 -7.95
N CYS B 204 -12.25 0.53 -9.26
CA CYS B 204 -11.46 -0.03 -10.31
C CYS B 204 -10.08 0.79 -10.33
N SER B 205 -8.91 0.17 -10.37
CA SER B 205 -7.76 1.06 -10.26
C SER B 205 -6.58 0.42 -10.86
N CYS B 206 -5.62 1.19 -11.28
CA CYS B 206 -4.38 0.60 -11.78
C CYS B 206 -3.43 0.06 -10.62
#